data_9B4P
#
_entry.id   9B4P
#
_cell.length_a   100.404
_cell.length_b   58.311
_cell.length_c   70.087
_cell.angle_alpha   90.000
_cell.angle_beta   134.122
_cell.angle_gamma   90.000
#
_symmetry.space_group_name_H-M   'C 1 2 1'
#
loop_
_entity.id
_entity.type
_entity.pdbx_description
1 polymer 'B-cell lymphoma/leukemia 11A'
2 non-polymer 'ZINC ION'
3 water water
#
_entity_poly.entity_id   1
_entity_poly.type   'polypeptide(L)'
_entity_poly.pdbx_seq_one_letter_code
;SLLTCGQCQMNFPLGDILIFIEHKRKQC
;
_entity_poly.pdbx_strand_id   B,C,A,D,E,F,G,H,I,J
#
loop_
_chem_comp.id
_chem_comp.type
_chem_comp.name
_chem_comp.formula
ZN non-polymer 'ZINC ION' 'Zn 2'
#
# COMPACT_ATOMS: atom_id res chain seq x y z
N SER A 1 8.79 6.43 5.46
CA SER A 1 7.54 6.62 4.74
C SER A 1 7.57 5.90 3.40
N LEU A 2 6.40 5.46 2.94
CA LEU A 2 6.28 4.53 1.83
C LEU A 2 5.85 5.23 0.56
N LEU A 3 6.17 4.61 -0.57
CA LEU A 3 5.66 4.98 -1.88
C LEU A 3 4.93 3.77 -2.46
N THR A 4 3.67 3.97 -2.86
CA THR A 4 2.83 2.91 -3.42
C THR A 4 2.09 3.46 -4.63
N CYS A 5 2.07 2.56 -5.66
CA CYS A 5 1.48 2.81 -6.99
C CYS A 5 0.21 1.96 -7.12
N GLY A 6 -0.80 2.47 -7.83
CA GLY A 6 -2.08 1.76 -7.97
C GLY A 6 -2.15 1.06 -9.30
N GLN A 7 -1.13 0.28 -9.62
CA GLN A 7 -1.12 -0.49 -10.88
C GLN A 7 -0.77 -1.92 -10.47
N CYS A 8 0.00 -2.08 -9.39
CA CYS A 8 0.48 -3.41 -8.96
C CYS A 8 0.60 -3.44 -7.42
N GLN A 9 0.46 -2.30 -6.76
CA GLN A 9 0.56 -2.15 -5.31
C GLN A 9 1.96 -2.43 -4.76
N MET A 10 3.00 -2.26 -5.57
CA MET A 10 4.37 -2.35 -5.05
C MET A 10 4.67 -1.15 -4.16
N ASN A 11 5.19 -1.42 -2.97
CA ASN A 11 5.60 -0.36 -2.06
C ASN A 11 7.09 -0.08 -2.23
N PHE A 12 7.50 1.13 -1.84
CA PHE A 12 8.85 1.64 -2.00
C PHE A 12 9.11 2.55 -0.80
N PRO A 13 10.32 2.53 -0.24
CA PRO A 13 10.69 3.60 0.71
C PRO A 13 10.68 4.95 0.03
N LEU A 14 10.48 6.03 0.78
CA LEU A 14 10.40 7.34 0.14
C LEU A 14 11.78 7.86 -0.26
N GLY A 15 12.76 7.74 0.63
CA GLY A 15 14.11 8.15 0.28
C GLY A 15 14.64 7.43 -0.94
N ASP A 16 14.19 6.19 -1.17
CA ASP A 16 14.44 5.46 -2.39
C ASP A 16 13.42 5.77 -3.47
N ILE A 17 13.27 7.06 -3.82
CA ILE A 17 12.25 7.47 -4.77
C ILE A 17 12.70 7.22 -6.19
N LEU A 18 14.00 7.37 -6.48
CA LEU A 18 14.47 7.14 -7.84
C LEU A 18 14.24 5.70 -8.28
N ILE A 19 14.02 4.79 -7.33
CA ILE A 19 13.67 3.42 -7.69
C ILE A 19 12.21 3.34 -8.10
N PHE A 20 11.35 4.09 -7.40
CA PHE A 20 9.93 4.15 -7.74
C PHE A 20 9.74 4.69 -9.15
N ILE A 21 10.60 5.61 -9.56
CA ILE A 21 10.47 6.23 -10.87
C ILE A 21 10.94 5.27 -11.96
N GLU A 22 12.01 4.52 -11.71
CA GLU A 22 12.44 3.50 -12.66
C GLU A 22 11.35 2.47 -12.90
N HIS A 23 10.59 2.14 -11.85
CA HIS A 23 9.48 1.21 -11.98
C HIS A 23 8.34 1.82 -12.79
N LYS A 24 8.15 3.14 -12.66
CA LYS A 24 7.02 3.79 -13.32
C LYS A 24 7.37 4.21 -14.75
N ARG A 25 8.67 4.24 -15.07
CA ARG A 25 9.08 4.48 -16.44
C ARG A 25 8.49 3.44 -17.39
N LYS A 26 8.36 2.21 -16.93
CA LYS A 26 7.89 1.11 -17.75
C LYS A 26 6.60 0.56 -17.15
N GLN A 27 5.72 0.05 -18.02
CA GLN A 27 4.39 -0.34 -17.58
C GLN A 27 4.45 -1.67 -16.83
N CYS A 28 3.40 -1.93 -16.05
CA CYS A 28 3.30 -3.15 -15.24
C CYS A 28 1.86 -3.65 -15.25
N SER B 1 -1.39 5.69 -7.36
CA SER B 1 -0.84 6.92 -6.79
C SER B 1 -1.06 6.93 -5.28
N LEU B 2 0.03 6.90 -4.52
CA LEU B 2 -0.10 6.86 -3.07
C LEU B 2 1.19 7.27 -2.39
N LEU B 3 1.02 7.86 -1.20
CA LEU B 3 2.06 8.10 -0.23
C LEU B 3 1.54 7.74 1.15
N THR B 4 2.42 7.21 2.00
CA THR B 4 2.05 6.75 3.32
C THR B 4 3.07 7.26 4.34
N CYS B 5 2.58 7.95 5.38
CA CYS B 5 3.46 8.46 6.42
C CYS B 5 4.14 7.31 7.14
N GLY B 6 5.39 7.55 7.55
CA GLY B 6 6.15 6.48 8.24
C GLY B 6 5.63 6.23 9.64
N GLN B 7 5.49 7.23 10.54
CA GLN B 7 5.10 6.92 11.95
C GLN B 7 3.64 6.48 12.08
N CYS B 8 2.72 7.12 11.34
CA CYS B 8 1.26 6.88 11.53
C CYS B 8 0.55 6.21 10.33
N GLN B 9 1.24 5.96 9.21
CA GLN B 9 0.61 5.23 8.08
C GLN B 9 -0.70 5.89 7.61
N MET B 10 -0.65 7.16 7.20
CA MET B 10 -1.81 7.86 6.65
C MET B 10 -1.70 7.96 5.13
N ASN B 11 -2.84 7.97 4.45
CA ASN B 11 -2.89 7.92 2.99
C ASN B 11 -2.90 9.32 2.39
N PHE B 12 -2.18 9.49 1.29
CA PHE B 12 -2.16 10.70 0.50
C PHE B 12 -1.89 10.31 -0.96
N PRO B 13 -2.79 10.61 -1.88
CA PRO B 13 -2.50 10.35 -3.30
C PRO B 13 -1.23 11.07 -3.73
N LEU B 14 -0.53 10.47 -4.69
CA LEU B 14 0.77 10.99 -5.11
C LEU B 14 0.65 12.40 -5.67
N GLY B 15 -0.42 12.68 -6.41
CA GLY B 15 -0.65 14.03 -6.91
C GLY B 15 -1.01 15.04 -5.83
N ASP B 16 -0.94 14.64 -4.56
CA ASP B 16 -1.18 15.52 -3.42
C ASP B 16 0.04 15.68 -2.53
N ILE B 17 1.22 15.80 -3.12
CA ILE B 17 2.48 15.82 -2.37
C ILE B 17 2.49 17.00 -1.40
N LEU B 18 1.85 18.11 -1.79
CA LEU B 18 1.79 19.27 -0.91
C LEU B 18 1.00 18.94 0.36
N ILE B 19 -0.09 18.18 0.22
CA ILE B 19 -0.86 17.77 1.40
C ILE B 19 0.00 16.92 2.31
N PHE B 20 0.63 15.88 1.75
CA PHE B 20 1.49 15.00 2.53
C PHE B 20 2.57 15.79 3.27
N ILE B 21 3.27 16.67 2.55
CA ILE B 21 4.34 17.46 3.15
C ILE B 21 3.80 18.35 4.26
N GLU B 22 2.56 18.83 4.12
CA GLU B 22 1.94 19.60 5.21
C GLU B 22 1.62 18.73 6.40
N HIS B 23 1.42 17.42 6.19
CA HIS B 23 1.17 16.53 7.31
C HIS B 23 2.43 16.28 8.14
N LYS B 24 3.60 16.38 7.51
CA LYS B 24 4.85 16.17 8.24
C LYS B 24 5.42 17.48 8.77
N ARG B 25 4.78 18.61 8.44
CA ARG B 25 5.02 19.82 9.21
C ARG B 25 4.48 19.68 10.63
N LYS B 26 3.21 19.34 10.75
CA LYS B 26 2.58 19.04 12.04
C LYS B 26 3.13 17.68 12.49
N GLN B 27 3.10 17.44 13.80
CA GLN B 27 3.56 16.18 14.34
C GLN B 27 2.40 15.18 14.37
N CYS B 28 2.74 13.89 14.38
CA CYS B 28 1.74 12.85 14.56
C CYS B 28 2.28 11.75 15.47
N SER C 1 19.47 -14.26 6.78
CA SER C 1 18.52 -13.50 7.58
C SER C 1 18.54 -12.01 7.21
N LEU C 2 17.38 -11.37 7.26
CA LEU C 2 17.25 -9.99 6.83
C LEU C 2 16.96 -9.09 8.03
N LEU C 3 16.60 -7.84 7.73
CA LEU C 3 16.32 -6.82 8.70
C LEU C 3 15.55 -5.69 8.03
N THR C 4 14.26 -5.60 8.34
CA THR C 4 13.34 -4.73 7.62
C THR C 4 12.95 -3.56 8.50
N CYS C 5 12.94 -2.36 7.92
CA CYS C 5 12.56 -1.17 8.66
C CYS C 5 11.04 -1.08 8.79
N GLY C 6 10.59 -0.44 9.87
CA GLY C 6 9.18 -0.34 10.14
C GLY C 6 8.43 0.68 9.32
N GLN C 7 8.97 1.91 9.22
CA GLN C 7 8.21 3.04 8.65
C GLN C 7 8.29 3.08 7.13
N CYS C 8 9.17 2.28 6.53
CA CYS C 8 9.37 2.39 5.08
C CYS C 8 9.71 1.06 4.43
N GLN C 9 9.81 -0.03 5.19
CA GLN C 9 10.18 -1.34 4.67
C GLN C 9 11.53 -1.27 3.95
N MET C 10 12.49 -0.56 4.56
CA MET C 10 13.86 -0.60 4.08
C MET C 10 14.47 -1.98 4.36
N ASN C 11 15.35 -2.41 3.47
CA ASN C 11 15.95 -3.73 3.56
C ASN C 11 17.43 -3.64 3.90
N PHE C 12 17.84 -4.47 4.86
CA PHE C 12 19.20 -4.52 5.34
C PHE C 12 19.61 -5.96 5.61
N PRO C 13 20.83 -6.35 5.27
CA PRO C 13 21.34 -7.65 5.73
C PRO C 13 21.51 -7.64 7.24
N LEU C 14 21.22 -8.78 7.86
CA LEU C 14 21.37 -8.90 9.31
C LEU C 14 22.77 -8.53 9.75
N GLY C 15 23.79 -8.99 9.01
CA GLY C 15 25.15 -8.66 9.34
C GLY C 15 25.52 -7.21 9.11
N ASP C 16 24.63 -6.44 8.48
CA ASP C 16 24.80 -5.00 8.32
C ASP C 16 23.84 -4.21 9.22
N ILE C 17 23.67 -4.63 10.47
CA ILE C 17 22.74 -3.95 11.37
C ILE C 17 23.14 -2.50 11.56
N LEU C 18 24.44 -2.23 11.76
CA LEU C 18 24.90 -0.87 12.01
C LEU C 18 24.49 0.09 10.89
N ILE C 19 24.27 -0.43 9.69
CA ILE C 19 23.74 0.38 8.59
C ILE C 19 22.25 0.67 8.78
N PHE C 20 21.50 -0.25 9.37
CA PHE C 20 20.10 0.01 9.67
C PHE C 20 19.95 0.93 10.88
N ILE C 21 20.90 0.83 11.82
CA ILE C 21 20.85 1.67 13.02
C ILE C 21 20.92 3.14 12.65
N GLU C 22 21.86 3.49 11.78
CA GLU C 22 22.01 4.89 11.37
C GLU C 22 20.96 5.27 10.33
N HIS C 23 20.19 4.29 9.85
CA HIS C 23 19.05 4.59 9.00
C HIS C 23 17.84 4.97 9.85
N LYS C 24 17.55 4.16 10.87
CA LYS C 24 16.46 4.46 11.78
C LYS C 24 16.82 5.57 12.76
N ARG C 25 18.09 6.00 12.76
CA ARG C 25 18.47 7.15 13.60
C ARG C 25 18.17 8.46 12.88
N LYS C 26 17.55 8.39 11.71
CA LYS C 26 17.08 9.55 10.99
C LYS C 26 15.69 9.26 10.40
N GLN C 27 15.07 10.28 9.85
CA GLN C 27 13.73 10.12 9.27
C GLN C 27 13.86 9.32 7.98
N CYS C 28 12.84 8.52 7.69
CA CYS C 28 12.87 7.63 6.53
C CYS C 28 11.60 7.77 5.71
N SER D 1 9.33 -2.68 13.55
CA SER D 1 10.13 -3.26 12.48
C SER D 1 10.18 -4.78 12.63
N LEU D 2 10.84 -5.47 11.69
CA LEU D 2 10.70 -6.91 11.60
C LEU D 2 12.04 -7.58 11.37
N LEU D 3 12.18 -8.79 11.93
CA LEU D 3 13.30 -9.69 11.67
C LEU D 3 12.82 -10.87 10.83
N THR D 4 13.67 -11.33 9.91
CA THR D 4 13.29 -12.39 8.98
C THR D 4 14.37 -13.46 8.97
N CYS D 5 13.98 -14.69 9.26
CA CYS D 5 14.89 -15.82 9.12
C CYS D 5 15.31 -15.98 7.66
N GLY D 6 16.59 -16.29 7.46
CA GLY D 6 17.15 -16.40 6.12
C GLY D 6 16.75 -17.67 5.40
N GLN D 7 16.67 -18.78 6.14
CA GLN D 7 16.29 -20.04 5.54
C GLN D 7 14.77 -20.16 5.42
N CYS D 8 14.08 -20.36 6.55
CA CYS D 8 12.67 -20.70 6.51
C CYS D 8 11.77 -19.49 6.26
N GLN D 9 12.34 -18.28 6.24
CA GLN D 9 11.65 -17.06 5.81
C GLN D 9 10.53 -16.63 6.77
N MET D 10 10.55 -17.11 8.01
CA MET D 10 9.58 -16.65 9.00
C MET D 10 9.92 -15.21 9.41
N ASN D 11 8.91 -14.49 9.89
CA ASN D 11 9.05 -13.08 10.24
C ASN D 11 8.78 -12.87 11.73
N PHE D 12 9.62 -12.03 12.35
CA PHE D 12 9.58 -11.76 13.78
C PHE D 12 9.68 -10.23 13.94
N PRO D 13 8.91 -9.65 14.86
CA PRO D 13 9.12 -8.23 15.17
C PRO D 13 10.52 -8.01 15.73
N LEU D 14 11.04 -6.80 15.55
CA LEU D 14 12.34 -6.46 16.11
C LEU D 14 12.35 -6.66 17.63
N GLY D 15 11.25 -6.34 18.28
CA GLY D 15 11.06 -6.66 19.69
C GLY D 15 11.10 -8.14 20.00
N ASP D 16 10.90 -9.00 19.02
CA ASP D 16 11.00 -10.44 19.18
C ASP D 16 12.35 -10.98 18.70
N ILE D 17 13.44 -10.26 19.02
CA ILE D 17 14.76 -10.72 18.57
C ILE D 17 15.19 -11.95 19.35
N LEU D 18 14.83 -12.01 20.64
CA LEU D 18 15.12 -13.19 21.44
C LEU D 18 14.45 -14.43 20.83
N ILE D 19 13.16 -14.32 20.55
CA ILE D 19 12.42 -15.42 19.92
C ILE D 19 13.10 -15.84 18.62
N PHE D 20 13.51 -14.87 17.81
CA PHE D 20 14.13 -15.17 16.52
C PHE D 20 15.47 -15.89 16.71
N ILE D 21 16.10 -15.71 17.87
CA ILE D 21 17.42 -16.31 18.08
C ILE D 21 17.29 -17.78 18.46
N GLU D 22 16.50 -18.07 19.51
CA GLU D 22 16.22 -19.45 19.86
C GLU D 22 15.58 -20.20 18.71
N HIS D 23 14.83 -19.48 17.86
CA HIS D 23 14.38 -20.05 16.59
C HIS D 23 15.57 -20.57 15.79
N LYS D 24 16.61 -19.75 15.65
CA LYS D 24 17.79 -20.18 14.91
C LYS D 24 18.64 -21.14 15.72
N ARG D 25 18.47 -21.19 17.02
CA ARG D 25 19.15 -22.17 17.84
C ARG D 25 18.65 -23.57 17.54
N LYS D 26 17.40 -23.82 17.86
CA LYS D 26 16.73 -25.12 17.59
C LYS D 26 16.45 -25.16 16.09
N GLN D 27 17.52 -25.34 15.31
CA GLN D 27 17.42 -25.38 13.85
C GLN D 27 16.66 -24.15 13.39
N CYS D 28 15.48 -24.29 12.79
CA CYS D 28 14.75 -23.15 12.22
C CYS D 28 13.24 -23.41 12.23
N SER E 1 -5.54 -3.75 22.20
CA SER E 1 -5.74 -2.32 22.10
C SER E 1 -4.51 -1.57 22.60
N LEU E 2 -3.63 -1.20 21.67
CA LEU E 2 -2.33 -0.68 22.02
C LEU E 2 -2.08 0.65 21.32
N LEU E 3 -1.62 1.62 22.10
CA LEU E 3 -1.09 2.88 21.58
C LEU E 3 0.38 2.69 21.21
N THR E 4 0.82 3.44 20.21
CA THR E 4 2.14 3.21 19.63
C THR E 4 2.73 4.55 19.19
N CYS E 5 3.65 5.10 19.98
CA CYS E 5 4.38 6.27 19.54
C CYS E 5 5.16 5.96 18.28
N GLY E 6 4.98 6.81 17.26
CA GLY E 6 5.60 6.59 15.97
C GLY E 6 7.06 6.96 15.86
N GLN E 7 7.56 7.83 16.74
CA GLN E 7 8.96 8.21 16.70
C GLN E 7 9.88 7.27 17.50
N CYS E 8 9.32 6.29 18.22
CA CYS E 8 10.17 5.33 18.91
C CYS E 8 9.54 3.95 19.05
N GLN E 9 8.38 3.70 18.44
CA GLN E 9 7.76 2.38 18.39
C GLN E 9 7.52 1.80 19.78
N MET E 10 7.31 2.66 20.79
CA MET E 10 6.99 2.19 22.12
C MET E 10 5.49 2.00 22.28
N ASN E 11 5.11 0.86 22.86
CA ASN E 11 3.72 0.46 22.98
C ASN E 11 3.16 0.89 24.32
N PHE E 12 1.90 1.34 24.30
CA PHE E 12 1.16 1.69 25.51
C PHE E 12 -0.23 1.09 25.36
N PRO E 13 -0.76 0.42 26.38
CA PRO E 13 -2.15 -0.01 26.33
C PRO E 13 -3.09 1.19 26.32
N LEU E 14 -4.30 0.98 25.79
CA LEU E 14 -5.20 2.11 25.56
C LEU E 14 -5.73 2.67 26.87
N GLY E 15 -5.85 1.83 27.91
CA GLY E 15 -6.18 2.33 29.24
C GLY E 15 -5.16 3.28 29.83
N ASP E 16 -3.96 3.35 29.24
CA ASP E 16 -2.91 4.25 29.67
C ASP E 16 -2.78 5.45 28.74
N ILE E 17 -3.90 6.06 28.35
CA ILE E 17 -3.87 7.17 27.40
C ILE E 17 -3.05 8.34 27.94
N LEU E 18 -3.32 8.77 29.18
CA LEU E 18 -2.56 9.84 29.80
C LEU E 18 -1.08 9.48 29.93
N ILE E 19 -0.75 8.19 30.07
CA ILE E 19 0.64 7.77 30.06
C ILE E 19 1.28 8.04 28.71
N PHE E 20 0.59 7.68 27.62
CA PHE E 20 1.10 7.95 26.28
C PHE E 20 1.39 9.43 26.09
N ILE E 21 0.48 10.29 26.56
CA ILE E 21 0.62 11.72 26.31
C ILE E 21 1.81 12.28 27.08
N GLU E 22 2.05 11.75 28.29
CA GLU E 22 3.26 12.13 29.02
C GLU E 22 4.51 11.72 28.27
N HIS E 23 4.48 10.58 27.58
CA HIS E 23 5.55 10.18 26.69
C HIS E 23 5.62 11.07 25.45
N LYS E 24 4.51 11.71 25.10
CA LYS E 24 4.53 12.68 23.98
C LYS E 24 4.82 14.07 24.55
N ARG E 25 4.45 14.31 25.82
CA ARG E 25 4.66 15.64 26.44
C ARG E 25 6.14 15.83 26.78
N LYS E 26 6.87 14.73 26.97
CA LYS E 26 8.28 14.86 27.41
C LYS E 26 9.25 14.58 26.25
N GLN E 27 8.83 13.78 25.26
CA GLN E 27 9.79 13.38 24.19
C GLN E 27 9.14 13.19 22.84
N CYS E 28 9.93 12.81 21.82
CA CYS E 28 9.40 12.65 20.45
C CYS E 28 8.38 13.77 20.15
N SER F 1 1.54 8.69 15.30
CA SER F 1 1.31 7.53 16.14
C SER F 1 0.23 6.63 15.57
N LEU F 2 -0.17 5.62 16.36
CA LEU F 2 -1.12 4.63 15.90
C LEU F 2 -2.05 4.22 17.02
N LEU F 3 -3.29 3.90 16.65
CA LEU F 3 -4.17 3.06 17.46
C LEU F 3 -4.23 1.68 16.80
N THR F 4 -4.12 0.64 17.62
CA THR F 4 -4.09 -0.72 17.10
C THR F 4 -5.14 -1.57 17.79
N CYS F 5 -5.96 -2.25 17.00
CA CYS F 5 -7.02 -3.09 17.51
C CYS F 5 -6.47 -4.44 17.96
N GLY F 6 -6.85 -4.85 19.17
CA GLY F 6 -6.47 -6.16 19.66
C GLY F 6 -7.14 -7.30 18.93
N GLN F 7 -8.40 -7.12 18.52
CA GLN F 7 -9.15 -8.18 17.86
C GLN F 7 -9.00 -8.17 16.35
N CYS F 8 -8.61 -7.04 15.75
CA CYS F 8 -8.50 -6.94 14.30
C CYS F 8 -7.05 -6.78 13.83
N GLN F 9 -6.14 -6.39 14.73
CA GLN F 9 -4.75 -6.10 14.38
C GLN F 9 -4.68 -5.02 13.29
N MET F 10 -5.66 -4.12 13.30
CA MET F 10 -5.74 -3.01 12.37
C MET F 10 -5.00 -1.82 12.93
N ASN F 11 -4.45 -1.00 12.04
CA ASN F 11 -3.69 0.19 12.42
C ASN F 11 -4.39 1.44 11.94
N PHE F 12 -4.61 2.37 12.87
CA PHE F 12 -5.24 3.65 12.61
C PHE F 12 -4.31 4.76 13.05
N PRO F 13 -4.18 5.83 12.27
CA PRO F 13 -3.48 7.01 12.79
C PRO F 13 -4.17 7.54 14.02
N LEU F 14 -3.38 8.08 14.95
CA LEU F 14 -3.96 8.72 16.13
C LEU F 14 -4.91 9.84 15.73
N GLY F 15 -4.59 10.55 14.64
CA GLY F 15 -5.46 11.57 14.09
C GLY F 15 -6.65 11.04 13.33
N ASP F 16 -6.91 9.73 13.41
CA ASP F 16 -8.16 9.13 12.94
C ASP F 16 -8.91 8.45 14.07
N ILE F 17 -8.79 8.97 15.30
CA ILE F 17 -9.35 8.32 16.49
C ILE F 17 -10.84 8.06 16.31
N LEU F 18 -11.53 8.92 15.56
CA LEU F 18 -12.96 8.75 15.35
C LEU F 18 -13.26 7.46 14.58
N ILE F 19 -12.55 7.23 13.46
CA ILE F 19 -12.76 6.00 12.71
C ILE F 19 -12.49 4.80 13.59
N PHE F 20 -11.48 4.88 14.45
CA PHE F 20 -11.20 3.79 15.39
C PHE F 20 -12.42 3.53 16.28
N ILE F 21 -12.99 4.58 16.86
CA ILE F 21 -14.18 4.41 17.68
C ILE F 21 -15.33 3.88 16.84
N GLU F 22 -15.57 4.49 15.68
CA GLU F 22 -16.66 4.05 14.82
C GLU F 22 -16.36 2.70 14.19
N HIS F 23 -15.09 2.28 14.20
CA HIS F 23 -14.75 0.91 13.80
C HIS F 23 -15.37 -0.09 14.77
N LYS F 24 -15.25 0.17 16.06
CA LYS F 24 -15.73 -0.76 17.08
C LYS F 24 -17.23 -0.64 17.35
N ARG F 25 -17.92 0.33 16.71
CA ARG F 25 -19.37 0.40 16.87
C ARG F 25 -20.03 -0.86 16.29
N LYS F 26 -20.03 -1.13 15.08
CA LYS F 26 -20.48 -2.42 14.57
C LYS F 26 -19.59 -3.56 15.06
N GLN F 27 -18.34 -3.58 14.61
CA GLN F 27 -17.41 -4.64 15.00
C GLN F 27 -16.03 -4.06 15.32
N SER G 1 -18.26 9.56 -13.33
CA SER G 1 -18.13 11.01 -13.19
C SER G 1 -16.71 11.46 -13.48
N LEU G 2 -15.73 10.60 -13.17
CA LEU G 2 -14.33 10.93 -13.32
C LEU G 2 -13.66 10.01 -14.32
N LEU G 3 -12.93 10.60 -15.25
CA LEU G 3 -12.09 9.87 -16.20
C LEU G 3 -10.64 9.92 -15.72
N THR G 4 -10.02 8.75 -15.57
CA THR G 4 -8.63 8.67 -15.14
C THR G 4 -7.76 8.13 -16.26
N CYS G 5 -6.76 8.91 -16.69
CA CYS G 5 -6.02 8.62 -17.91
C CYS G 5 -5.43 7.21 -17.90
N GLY G 6 -5.02 6.72 -16.74
CA GLY G 6 -4.45 5.40 -16.62
C GLY G 6 -3.05 5.25 -17.18
N GLN G 7 -2.67 6.06 -18.16
CA GLN G 7 -1.31 6.04 -18.67
C GLN G 7 -0.46 7.05 -17.92
N CYS G 8 -0.77 8.34 -18.09
CA CYS G 8 -0.09 9.37 -17.31
C CYS G 8 -0.78 9.65 -15.99
N GLN G 9 -1.89 8.98 -15.71
CA GLN G 9 -2.65 9.06 -14.46
C GLN G 9 -3.35 10.40 -14.28
N MET G 10 -3.39 11.24 -15.32
CA MET G 10 -4.12 12.49 -15.26
C MET G 10 -5.62 12.21 -15.08
N ASN G 11 -6.32 13.19 -14.52
CA ASN G 11 -7.77 13.10 -14.31
C ASN G 11 -8.48 14.19 -15.08
N PHE G 12 -9.63 13.82 -15.65
CA PHE G 12 -10.53 14.75 -16.32
C PHE G 12 -11.95 14.39 -15.90
N PRO G 13 -12.77 15.35 -15.47
CA PRO G 13 -14.16 15.01 -15.13
C PRO G 13 -14.94 14.61 -16.37
N LEU G 14 -16.05 13.88 -16.15
CA LEU G 14 -16.77 13.27 -17.26
C LEU G 14 -17.27 14.31 -18.26
N GLY G 15 -17.65 15.48 -17.77
CA GLY G 15 -18.06 16.56 -18.68
C GLY G 15 -16.89 16.94 -19.58
N ASP G 16 -15.66 16.88 -19.02
CA ASP G 16 -14.46 17.25 -19.82
C ASP G 16 -14.01 16.03 -20.63
N ILE G 17 -15.03 15.31 -21.22
CA ILE G 17 -14.70 14.17 -22.07
C ILE G 17 -13.98 14.64 -23.33
N LEU G 18 -14.39 15.80 -23.85
CA LEU G 18 -13.69 16.38 -24.99
C LEU G 18 -12.24 16.71 -24.64
N ILE G 19 -11.99 17.10 -23.39
CA ILE G 19 -10.63 17.43 -22.97
C ILE G 19 -9.76 16.18 -22.96
N PHE G 20 -10.30 15.07 -22.45
CA PHE G 20 -9.55 13.82 -22.45
C PHE G 20 -9.11 13.43 -23.86
N ILE G 21 -9.95 13.70 -24.85
CA ILE G 21 -9.61 13.38 -26.24
C ILE G 21 -8.35 14.11 -26.66
N GLU G 22 -8.29 15.42 -26.37
CA GLU G 22 -7.17 16.23 -26.84
C GLU G 22 -5.88 15.90 -26.10
N HIS G 23 -5.99 15.39 -24.87
CA HIS G 23 -4.81 14.92 -24.16
C HIS G 23 -4.18 13.75 -24.90
N LYS G 24 -5.01 12.83 -25.40
CA LYS G 24 -4.49 11.58 -25.96
C LYS G 24 -3.82 11.80 -27.30
N ARG G 25 -4.30 12.78 -28.08
CA ARG G 25 -3.66 13.05 -29.37
C ARG G 25 -2.55 14.07 -29.23
N LYS G 26 -2.12 14.36 -27.99
CA LYS G 26 -1.04 15.32 -27.78
C LYS G 26 0.09 14.75 -26.94
N GLN G 27 -0.22 14.19 -25.76
CA GLN G 27 0.81 13.90 -24.77
C GLN G 27 0.89 12.39 -24.54
N CYS G 28 -0.23 11.69 -24.57
CA CYS G 28 -0.20 10.25 -24.28
C CYS G 28 -1.13 9.46 -25.21
N SER H 1 -7.81 5.70 -19.29
CA SER H 1 -8.05 4.28 -19.44
C SER H 1 -8.98 3.75 -18.36
N LEU H 2 -9.50 4.65 -17.52
CA LEU H 2 -10.14 4.25 -16.28
C LEU H 2 -11.32 5.18 -15.99
N LEU H 3 -12.53 4.64 -16.07
CA LEU H 3 -13.74 5.37 -15.68
C LEU H 3 -14.02 5.11 -14.20
N THR H 4 -14.41 6.17 -13.49
CA THR H 4 -14.61 6.08 -12.05
C THR H 4 -15.94 6.73 -11.71
N CYS H 5 -16.84 5.96 -11.08
CA CYS H 5 -18.12 6.49 -10.64
C CYS H 5 -17.89 7.46 -9.49
N GLY H 6 -18.30 8.71 -9.70
CA GLY H 6 -18.04 9.76 -8.74
C GLY H 6 -18.81 9.69 -7.42
N GLN H 7 -19.78 8.79 -7.35
CA GLN H 7 -20.67 8.69 -6.17
C GLN H 7 -20.34 7.47 -5.29
N CYS H 8 -20.14 6.29 -5.87
CA CYS H 8 -19.75 5.12 -5.03
C CYS H 8 -18.26 4.81 -5.19
N GLN H 9 -17.55 5.49 -6.09
CA GLN H 9 -16.12 5.26 -6.30
C GLN H 9 -15.83 3.98 -7.05
N MET H 10 -16.74 3.39 -7.83
CA MET H 10 -16.32 2.12 -8.52
C MET H 10 -15.53 2.46 -9.79
N ASN H 11 -14.46 1.70 -10.06
CA ASN H 11 -13.63 1.92 -11.23
C ASN H 11 -14.05 0.99 -12.36
N PHE H 12 -13.89 1.47 -13.59
CA PHE H 12 -14.29 0.74 -14.79
C PHE H 12 -13.30 1.02 -15.90
N PRO H 13 -12.90 0.00 -16.66
CA PRO H 13 -12.07 0.25 -17.85
C PRO H 13 -12.77 1.21 -18.79
N LEU H 14 -12.00 2.10 -19.42
CA LEU H 14 -12.57 3.02 -20.40
C LEU H 14 -13.27 2.26 -21.51
N GLY H 15 -12.64 1.20 -22.01
CA GLY H 15 -13.27 0.40 -23.05
C GLY H 15 -14.52 -0.32 -22.59
N ASP H 16 -14.70 -0.44 -21.28
CA ASP H 16 -15.92 -1.03 -20.70
C ASP H 16 -17.03 -0.02 -20.50
N ILE H 17 -17.05 1.07 -21.28
CA ILE H 17 -17.90 2.23 -21.05
C ILE H 17 -19.37 1.85 -20.94
N LEU H 18 -19.82 0.89 -21.74
CA LEU H 18 -21.23 0.50 -21.72
C LEU H 18 -21.64 0.03 -20.34
N ILE H 19 -20.77 -0.71 -19.66
CA ILE H 19 -21.08 -1.22 -18.33
C ILE H 19 -21.20 -0.08 -17.34
N PHE H 20 -20.51 1.03 -17.60
CA PHE H 20 -20.59 2.20 -16.74
C PHE H 20 -22.00 2.78 -16.77
N ILE H 21 -22.60 2.87 -17.96
CA ILE H 21 -23.92 3.46 -18.09
C ILE H 21 -24.95 2.64 -17.33
N GLU H 22 -24.96 1.32 -17.59
CA GLU H 22 -25.93 0.44 -16.95
C GLU H 22 -25.79 0.46 -15.43
N HIS H 23 -24.58 0.72 -14.94
CA HIS H 23 -24.35 0.85 -13.51
C HIS H 23 -25.13 2.05 -12.96
N LYS H 24 -24.98 3.21 -13.61
CA LYS H 24 -25.66 4.41 -13.14
C LYS H 24 -27.18 4.30 -13.31
N ARG H 25 -27.62 3.53 -14.31
CA ARG H 25 -29.05 3.35 -14.54
C ARG H 25 -29.71 2.63 -13.38
N LYS H 26 -29.10 1.56 -12.88
CA LYS H 26 -29.75 0.64 -11.97
C LYS H 26 -29.39 0.85 -10.51
N GLN H 27 -28.25 1.48 -10.21
CA GLN H 27 -27.92 1.91 -8.85
C GLN H 27 -26.78 2.91 -8.92
N CYS H 28 -27.02 4.08 -8.30
CA CYS H 28 -26.18 5.28 -8.46
C CYS H 28 -26.35 5.87 -9.85
N SER I 1 -8.53 -17.16 -8.50
CA SER I 1 -7.27 -16.54 -8.88
C SER I 1 -7.44 -15.67 -10.13
N LEU I 2 -7.07 -14.40 -10.02
CA LEU I 2 -7.42 -13.41 -11.04
C LEU I 2 -6.20 -12.66 -11.53
N LEU I 3 -6.24 -12.29 -12.80
CA LEU I 3 -5.31 -11.35 -13.41
C LEU I 3 -6.04 -10.04 -13.65
N THR I 4 -5.40 -8.94 -13.26
CA THR I 4 -6.00 -7.61 -13.37
C THR I 4 -5.04 -6.70 -14.13
N CYS I 5 -5.62 -6.00 -15.11
CA CYS I 5 -4.81 -5.10 -15.96
C CYS I 5 -4.20 -3.99 -15.10
N GLY I 6 -4.97 -3.39 -14.18
CA GLY I 6 -4.28 -2.32 -13.48
C GLY I 6 -4.07 -1.07 -14.32
N GLN I 7 -3.52 -1.22 -15.52
CA GLN I 7 -3.39 -0.08 -16.42
C GLN I 7 -4.73 0.46 -16.85
N CYS I 8 -5.74 -0.42 -16.95
CA CYS I 8 -7.12 0.01 -17.16
C CYS I 8 -8.08 -0.71 -16.20
N GLN I 9 -7.56 -1.60 -15.34
CA GLN I 9 -8.34 -2.33 -14.35
C GLN I 9 -9.25 -3.38 -14.97
N MET I 10 -8.89 -3.91 -16.13
CA MET I 10 -9.65 -5.01 -16.70
C MET I 10 -9.16 -6.33 -16.13
N ASN I 11 -10.08 -7.18 -15.69
CA ASN I 11 -9.76 -8.46 -15.07
C ASN I 11 -9.77 -9.59 -16.09
N PHE I 12 -8.93 -10.59 -15.82
CA PHE I 12 -8.71 -11.75 -16.68
C PHE I 12 -8.54 -12.94 -15.75
N PRO I 13 -9.04 -14.13 -16.11
CA PRO I 13 -8.61 -15.33 -15.39
C PRO I 13 -7.16 -15.65 -15.68
N LEU I 14 -6.54 -16.40 -14.78
CA LEU I 14 -5.15 -16.79 -14.95
C LEU I 14 -4.96 -17.59 -16.25
N GLY I 15 -5.87 -18.52 -16.51
CA GLY I 15 -5.84 -19.31 -17.72
C GLY I 15 -5.89 -18.49 -19.00
N ASP I 16 -6.47 -17.31 -18.92
CA ASP I 16 -6.59 -16.39 -20.04
C ASP I 16 -5.36 -15.51 -20.20
N ILE I 17 -4.21 -16.03 -19.63
CA ILE I 17 -2.98 -15.24 -19.61
C ILE I 17 -2.60 -14.77 -21.01
N LEU I 18 -2.87 -15.59 -22.02
CA LEU I 18 -2.49 -15.23 -23.38
C LEU I 18 -3.37 -14.13 -23.94
N ILE I 19 -4.64 -14.10 -23.54
CA ILE I 19 -5.51 -12.99 -23.92
C ILE I 19 -5.10 -11.72 -23.16
N PHE I 20 -4.63 -11.87 -21.92
CA PHE I 20 -4.14 -10.73 -21.17
C PHE I 20 -2.94 -10.09 -21.87
N ILE I 21 -1.99 -10.93 -22.30
CA ILE I 21 -0.86 -10.43 -23.08
C ILE I 21 -1.36 -9.84 -24.39
N GLU I 22 -2.42 -10.41 -24.94
CA GLU I 22 -3.05 -9.84 -26.13
C GLU I 22 -3.63 -8.46 -25.82
N HIS I 23 -4.29 -8.32 -24.67
CA HIS I 23 -4.90 -7.06 -24.29
C HIS I 23 -3.86 -5.96 -24.11
N LYS I 24 -2.68 -6.33 -23.60
CA LYS I 24 -1.61 -5.35 -23.39
C LYS I 24 -1.06 -4.80 -24.71
N ARG I 25 -1.16 -5.57 -25.80
CA ARG I 25 -0.71 -5.10 -27.11
C ARG I 25 -1.41 -3.83 -27.56
N LYS I 26 -2.68 -3.63 -27.19
CA LYS I 26 -3.41 -2.42 -27.49
C LYS I 26 -3.29 -1.43 -26.34
N GLN I 27 -4.00 -0.31 -26.46
CA GLN I 27 -3.72 0.85 -25.60
C GLN I 27 -4.50 0.79 -24.30
N CYS I 28 -5.68 0.17 -24.32
CA CYS I 28 -6.51 -0.02 -23.13
C CYS I 28 -6.73 1.26 -22.33
N SER J 1 1.04 -5.02 -12.70
CA SER J 1 -0.36 -5.44 -12.69
C SER J 1 -0.66 -6.23 -11.42
N LEU J 2 -1.86 -6.79 -11.32
CA LEU J 2 -2.31 -7.40 -10.07
C LEU J 2 -2.83 -8.82 -10.31
N LEU J 3 -2.26 -9.76 -9.56
CA LEU J 3 -2.87 -11.06 -9.36
C LEU J 3 -3.64 -11.01 -8.05
N THR J 4 -4.73 -11.76 -7.98
CA THR J 4 -5.56 -11.81 -6.79
C THR J 4 -6.00 -13.25 -6.55
N CYS J 5 -5.81 -13.73 -5.32
CA CYS J 5 -6.14 -15.11 -4.99
C CYS J 5 -7.65 -15.31 -4.97
N GLY J 6 -8.13 -16.49 -5.33
CA GLY J 6 -9.59 -16.65 -5.40
C GLY J 6 -10.23 -16.76 -4.03
N GLN J 7 -9.62 -17.60 -3.14
CA GLN J 7 -10.25 -17.81 -1.82
C GLN J 7 -9.97 -16.62 -0.88
N CYS J 8 -8.85 -16.39 -0.35
CA CYS J 8 -8.72 -15.30 0.60
C CYS J 8 -8.82 -13.91 -0.02
N GLN J 9 -8.82 -13.81 -1.34
CA GLN J 9 -8.97 -12.56 -2.09
C GLN J 9 -7.87 -11.56 -1.80
N MET J 10 -6.63 -12.01 -1.63
CA MET J 10 -5.49 -11.11 -1.44
C MET J 10 -4.90 -10.75 -2.79
N ASN J 11 -4.13 -9.67 -2.86
CA ASN J 11 -3.62 -9.17 -4.12
C ASN J 11 -2.10 -9.04 -4.06
N PHE J 12 -1.46 -9.48 -5.14
CA PHE J 12 0.00 -9.46 -5.27
C PHE J 12 0.33 -8.77 -6.59
N PRO J 13 1.43 -8.03 -6.66
CA PRO J 13 1.83 -7.43 -7.94
C PRO J 13 2.14 -8.52 -8.96
N LEU J 14 1.83 -8.24 -10.22
CA LEU J 14 2.19 -9.18 -11.28
C LEU J 14 3.69 -9.38 -11.34
N GLY J 15 4.45 -8.29 -11.15
CA GLY J 15 5.90 -8.40 -11.14
C GLY J 15 6.42 -9.31 -10.05
N ASP J 16 5.67 -9.47 -8.97
CA ASP J 16 6.02 -10.39 -7.88
C ASP J 16 5.29 -11.72 -8.02
N ILE J 17 5.37 -12.33 -9.22
CA ILE J 17 4.65 -13.57 -9.47
C ILE J 17 5.16 -14.70 -8.58
N LEU J 18 6.45 -14.71 -8.24
CA LEU J 18 6.97 -15.72 -7.33
C LEU J 18 6.31 -15.62 -5.96
N ILE J 19 5.83 -14.43 -5.58
CA ILE J 19 5.15 -14.28 -4.30
C ILE J 19 3.77 -14.92 -4.36
N PHE J 20 3.08 -14.74 -5.48
CA PHE J 20 1.80 -15.41 -5.73
C PHE J 20 1.98 -16.91 -5.64
N ILE J 21 3.05 -17.43 -6.24
CA ILE J 21 3.32 -18.85 -6.20
C ILE J 21 3.49 -19.33 -4.77
N GLU J 22 4.29 -18.62 -3.97
CA GLU J 22 4.58 -19.09 -2.61
C GLU J 22 3.37 -18.95 -1.70
N HIS J 23 2.53 -17.95 -1.94
CA HIS J 23 1.31 -17.82 -1.14
C HIS J 23 0.37 -18.99 -1.39
N LYS J 24 0.03 -19.22 -2.66
CA LYS J 24 -0.83 -20.36 -2.99
C LYS J 24 -0.06 -21.68 -2.94
N ARG J 25 1.20 -21.60 -2.53
CA ARG J 25 1.99 -22.85 -2.33
C ARG J 25 1.55 -23.45 -0.99
N LYS J 26 1.22 -22.60 -0.02
CA LYS J 26 0.86 -23.13 1.32
C LYS J 26 -0.61 -22.80 1.61
N GLN J 27 -1.55 -23.30 0.95
CA GLN J 27 -2.99 -23.00 1.21
C GLN J 27 -3.18 -21.50 1.35
N CYS J 28 -4.12 -21.09 2.22
CA CYS J 28 -4.38 -19.65 2.50
C CYS J 28 -5.71 -19.50 3.26
ZN ZN K . 3.50 -0.66 -10.34
ZN ZN L . 1.72 11.02 10.03
ZN ZN M . 13.00 3.59 7.34
ZN ZN N . 13.84 -20.31 10.28
ZN ZN O . 8.27 8.30 21.68
ZN ZN P . -11.10 -4.77 15.19
ZN ZN Q . -1.94 10.77 -20.47
ZN ZN R . -21.41 3.89 -8.47
ZN ZN S . -5.89 -2.50 -19.91
ZN ZN T . -5.43 -16.77 -0.61
#